data_7PDH
#
_entry.id   7PDH
#
_cell.length_a   1.00
_cell.length_b   1.00
_cell.length_c   1.00
_cell.angle_alpha   90.00
_cell.angle_beta   90.00
_cell.angle_gamma   90.00
#
_symmetry.space_group_name_H-M   'P 1'
#
loop_
_entity.id
_entity.type
_entity.pdbx_description
1 polymer 'Adenylate cyclase 9'
2 polymer 'DARPin C4'
#
loop_
_entity_poly.entity_id
_entity_poly.type
_entity_poly.pdbx_seq_one_letter_code
_entity_poly.pdbx_strand_id
1 'polypeptide(L)'
;MASPPHQQLLQHHSTEVSCDSSGDSNSVRVRINPKQPSSNSHPKHCKYSISSSCSSSGDSGGVPRRMGAGGRLRRRKKLP
QLFERASSRWWDPKFDSVNLEEACMERCFPQTQRRFRYALFYIGFACLLWSIYFGVHMKSKLIVMVAPALCFLVVCVGFF
LFTFTKLYARHYVWTSLVLTLLVFALTLAAQFQVLTPLSGRVDNFNHTRAARPTDTCLSQVGSFSMCIEVLFLLYTVMHL
PLYLSLILGVAYSVLFETFGYHFQDEACFASPGAEALHWELLSRALLHLCIHAIGIHLFIMSQVRSRSTFLKVGQSIMHG
KDLEVEKALKERMIHSVMPRIIADDLMKQGDEESENSVKRHATSSPKNRKKKSSIQKAPIAFRPFKMQQIEEVSILFADI
VGFTKMSANKSAHALVGLLNDLFGRFDRLCEETKCEKISTLGDCYYCVAGCPEPRADHAYCCIEMGLGMIRAIEQFCQEK
KEMVNMRVGVHTGTVLCGILGMRRFKFDVWSNDVNLANLMEQLGVAGKVHISEATAKYLDDRYEMEDGKVTERLGQSVVA
DQLKGLKTYLIAGQRAKESHCSCSEALLSGFEVLDGSRVSSGPRGQGTASPGSVSDLAQTVKTFDNLKTCPSCGITFTPK
PEAGAEGGAVQNGCQEEPKNSAKASGGPSSKTQNGLLSPPPEEKLTNSQTSLCEILQEKGRWAGVSLDQSALLPLRFKNI
REKTDAHFVDVIKEDSLMKDYFFKPPINQFSLNFLDPELERAYRTSYQEEVVKSSPVRTFASATFSSLLDVLLSTTVFLI
LSITCFLRYGAASTPPPPAALAVFGAALLLEILSLVVSVRMVFFLEDVMTCTKRLLEWIAGWLPRHFIGAILVSLPALAV
YSHVTSEFETNIHSTMFTGSAVLTAVVQYCNFCQLSSWMRSSLATVVGAGPLLLLLYVSLCPDSSTVISHLDAVQNFSST
RKLCNASLPHDGRSPASLIGQEVILVFFLLLLLVWFLNREFEVSYRLHYHGDVEADLHRTKIQSMRDQADWLLRNIIPYH
VAEQLKVSQTYSKNHDSGGVIFASIVNFSEFYEENYEGGKECYRVLNELIGDFDELLSKPDYSSIEKIKTIGATYMAASG
LNATQCRDGSHPQEHLQILFEFAKEMMRVVDDFNNNMLWFNFKLRVGFNHGPLTAGVIGTTKLLYDIWGDTVNIASRMDT
TGVECRIQVSEESYRVLSKMGYEFDYRGTVNVKGKGQMKTYLYPKCTDSGLVPQHQLSISPDIRVQVDGSIGRSPTDEIA
SLVPSVQNPDQVPPGSENNAQTRDAHPSAKRPWKEPVRAEERCRFGKAIEKSDCEEVGMEEANELTKLNVSERA
;
A
2 'polypeptide(L)'
;MRGSHHHHHHGSDLGKKLLEAARAGQDDEVRILMANGADVNATDDYGHTPLHLAAWFGHLEIVEVLLKAGADVNAADWLG
DTPLHLAARIGHLEIVEVLLKHGADVNAQDKFGKTPFDLAIDNGNEDIAEVLQKAAKLNDYKDDDDK
;
B
#
# COMPACT_ATOMS: atom_id res chain seq x y z
N GLY A 320 -0.13 23.99 32.43
CA GLY A 320 -1.14 23.55 33.37
C GLY A 320 -2.30 22.83 32.71
N LYS A 321 -3.44 23.52 32.59
CA LYS A 321 -4.60 22.92 31.96
C LYS A 321 -4.44 22.85 30.45
N ASP A 322 -3.64 23.73 29.87
CA ASP A 322 -3.34 23.63 28.44
C ASP A 322 -2.65 22.32 28.11
N LEU A 323 -1.86 21.80 29.04
CA LEU A 323 -1.26 20.49 28.84
C LEU A 323 -2.33 19.41 28.73
N GLU A 324 -3.35 19.47 29.59
CA GLU A 324 -4.43 18.51 29.49
C GLU A 324 -5.24 18.71 28.21
N VAL A 325 -5.40 19.96 27.78
CA VAL A 325 -6.07 20.26 26.52
C VAL A 325 -5.34 19.59 25.36
N GLU A 326 -4.03 19.75 25.31
CA GLU A 326 -3.27 19.13 24.21
C GLU A 326 -3.20 17.62 24.36
N LYS A 327 -3.24 17.10 25.59
CA LYS A 327 -3.32 15.66 25.75
C LYS A 327 -4.61 15.11 25.14
N ALA A 328 -5.73 15.76 25.43
CA ALA A 328 -6.99 15.34 24.84
C ALA A 328 -6.97 15.48 23.33
N LEU A 329 -6.40 16.58 22.83
CA LEU A 329 -6.32 16.78 21.38
C LEU A 329 -5.50 15.67 20.73
N LYS A 330 -4.35 15.33 21.32
CA LYS A 330 -3.49 14.30 20.76
C LYS A 330 -4.17 12.94 20.79
N GLU A 331 -4.86 12.62 21.88
CA GLU A 331 -5.56 11.34 21.94
C GLU A 331 -6.66 11.26 20.89
N ARG A 332 -7.41 12.35 20.73
CA ARG A 332 -8.45 12.38 19.71
C ARG A 332 -7.86 12.23 18.32
N MET A 333 -6.72 12.87 18.08
CA MET A 333 -6.09 12.80 16.77
C MET A 333 -5.49 11.41 16.49
N ILE A 334 -5.01 10.71 17.51
CA ILE A 334 -4.68 9.30 17.35
C ILE A 334 -5.90 8.51 16.93
N HIS A 335 -7.00 8.70 17.65
CA HIS A 335 -8.15 7.89 17.23
C HIS A 335 -8.76 8.37 15.93
N SER A 336 -8.32 9.51 15.38
CA SER A 336 -8.81 9.99 14.10
C SER A 336 -8.27 9.23 12.90
N VAL A 337 -7.14 8.52 13.06
CA VAL A 337 -6.45 7.94 11.91
C VAL A 337 -6.13 6.49 12.18
N MET A 338 -6.47 6.02 13.39
CA MET A 338 -5.97 4.73 13.84
C MET A 338 -6.92 4.21 14.92
N PRO A 339 -7.29 2.92 14.87
CA PRO A 339 -8.46 2.45 15.63
C PRO A 339 -8.34 2.48 17.15
N ARG A 340 -9.40 1.99 17.79
CA ARG A 340 -9.59 2.19 19.23
C ARG A 340 -8.65 1.32 20.05
N ILE A 341 -8.76 0.00 19.89
CA ILE A 341 -8.06 -0.93 20.79
C ILE A 341 -6.55 -0.76 20.66
N ILE A 342 -6.05 -0.65 19.44
CA ILE A 342 -4.62 -0.46 19.26
C ILE A 342 -4.15 0.82 19.93
N ALA A 343 -4.95 1.89 19.81
CA ALA A 343 -4.59 3.15 20.45
C ALA A 343 -4.55 3.02 21.96
N ASP A 344 -5.63 2.52 22.57
CA ASP A 344 -5.66 2.43 24.02
C ASP A 344 -4.63 1.45 24.55
N ASP A 345 -4.12 0.55 23.72
CA ASP A 345 -3.03 -0.32 24.16
C ASP A 345 -1.67 0.36 23.98
N LEU A 346 -1.52 1.22 22.97
CA LEU A 346 -0.23 1.81 22.68
C LEU A 346 0.11 3.03 23.52
N MET A 347 -0.86 3.61 24.24
CA MET A 347 -0.57 4.75 25.10
C MET A 347 0.07 4.36 26.43
N LYS A 348 0.02 3.08 26.80
CA LYS A 348 0.81 2.60 27.93
C LYS A 348 2.23 2.21 27.52
N GLN A 349 2.66 2.69 26.35
CA GLN A 349 3.95 2.38 25.73
C GLN A 349 4.30 0.90 25.87
N GLY A 350 3.44 0.07 25.29
CA GLY A 350 3.75 -1.35 25.17
C GLY A 350 5.02 -1.57 24.36
N ASP A 351 5.20 -0.80 23.30
CA ASP A 351 6.43 -0.74 22.54
C ASP A 351 6.94 0.70 22.53
N GLU A 352 8.21 0.89 22.92
CA GLU A 352 8.76 2.24 22.97
C GLU A 352 9.12 2.77 21.59
N GLU A 353 9.54 1.88 20.67
CA GLU A 353 9.84 2.30 19.32
C GLU A 353 8.58 2.85 18.64
N SER A 354 7.42 2.28 18.95
CA SER A 354 6.16 2.84 18.48
C SER A 354 5.96 4.25 19.02
N GLU A 355 6.25 4.47 20.30
CA GLU A 355 6.11 5.79 20.90
C GLU A 355 7.01 6.81 20.21
N ASN A 356 8.25 6.42 19.94
CA ASN A 356 9.19 7.34 19.28
C ASN A 356 8.82 7.55 17.82
N SER A 357 8.17 6.56 17.20
CA SER A 357 7.66 6.76 15.85
C SER A 357 6.49 7.73 15.85
N VAL A 358 5.68 7.72 16.92
CA VAL A 358 4.59 8.67 17.05
C VAL A 358 5.11 10.10 17.13
N LYS A 359 6.36 10.29 17.53
CA LYS A 359 6.99 11.61 17.49
C LYS A 359 6.91 12.19 16.08
N PRO A 384 8.65 -1.09 14.41
CA PRO A 384 8.25 -0.48 15.70
C PRO A 384 6.80 -0.79 16.05
N PHE A 385 6.13 -1.54 15.18
CA PHE A 385 4.72 -1.89 15.38
C PHE A 385 4.55 -3.37 15.09
N LYS A 386 3.30 -3.81 15.00
CA LYS A 386 2.98 -5.20 14.75
C LYS A 386 1.95 -5.31 13.63
N MET A 387 1.97 -6.46 12.96
CA MET A 387 0.98 -6.82 11.96
C MET A 387 0.35 -8.16 12.34
N GLN A 388 -0.87 -8.40 11.87
CA GLN A 388 -1.57 -9.64 12.21
C GLN A 388 -2.33 -10.15 10.99
N GLN A 389 -2.86 -11.37 11.11
CA GLN A 389 -3.70 -11.98 10.09
C GLN A 389 -4.79 -12.80 10.78
N ILE A 390 -6.05 -12.57 10.39
CA ILE A 390 -7.21 -13.12 11.07
C ILE A 390 -8.08 -13.83 10.05
N GLU A 391 -8.84 -14.82 10.51
CA GLU A 391 -9.68 -15.65 9.66
C GLU A 391 -11.16 -15.39 9.96
N GLU A 392 -11.98 -15.57 8.92
CA GLU A 392 -13.45 -15.59 9.03
C GLU A 392 -13.98 -14.27 9.60
N VAL A 393 -13.80 -13.22 8.80
CA VAL A 393 -14.38 -11.91 9.07
C VAL A 393 -15.12 -11.43 7.82
N SER A 394 -15.93 -10.40 8.01
CA SER A 394 -16.82 -9.87 6.98
C SER A 394 -16.38 -8.48 6.55
N ILE A 395 -16.58 -8.18 5.27
CA ILE A 395 -16.24 -6.87 4.71
C ILE A 395 -17.38 -6.44 3.80
N LEU A 396 -17.65 -5.13 3.77
CA LEU A 396 -18.73 -4.55 3.01
C LEU A 396 -18.24 -3.30 2.29
N PHE A 397 -18.72 -3.13 1.05
CA PHE A 397 -18.45 -1.95 0.25
C PHE A 397 -19.76 -1.37 -0.25
N ALA A 398 -19.76 -0.05 -0.48
CA ALA A 398 -20.96 0.61 -0.99
C ALA A 398 -20.54 1.81 -1.83
N ASP A 399 -21.12 1.92 -3.03
CA ASP A 399 -20.82 2.99 -3.96
C ASP A 399 -22.08 3.74 -4.36
N ILE A 400 -21.92 5.04 -4.57
CA ILE A 400 -22.98 5.88 -5.10
C ILE A 400 -23.19 5.53 -6.56
N VAL A 401 -24.45 5.51 -6.98
CA VAL A 401 -24.80 5.35 -8.40
C VAL A 401 -24.97 6.72 -9.02
N GLY A 402 -24.33 6.94 -10.16
CA GLY A 402 -24.37 8.24 -10.80
C GLY A 402 -23.66 9.32 -10.01
N PHE A 403 -22.50 8.98 -9.43
CA PHE A 403 -21.77 9.94 -8.61
C PHE A 403 -21.27 11.13 -9.44
N THR A 404 -20.89 10.89 -10.69
CA THR A 404 -20.47 11.98 -11.56
C THR A 404 -21.62 12.92 -11.87
N LYS A 405 -22.82 12.37 -12.07
CA LYS A 405 -23.95 13.19 -12.52
C LYS A 405 -24.34 14.24 -11.49
N MET A 406 -24.35 13.87 -10.21
CA MET A 406 -24.67 14.83 -9.16
C MET A 406 -23.61 15.90 -8.97
N SER A 407 -22.47 15.76 -9.63
CA SER A 407 -21.37 16.72 -9.55
C SER A 407 -21.08 17.34 -10.92
N ALA A 408 -22.12 17.71 -11.65
CA ALA A 408 -21.94 18.21 -13.01
C ALA A 408 -21.48 19.66 -13.05
N ASN A 409 -22.31 20.57 -12.52
CA ASN A 409 -22.03 22.00 -12.58
C ASN A 409 -22.35 22.65 -11.25
N LYS A 410 -21.91 22.03 -10.16
CA LYS A 410 -22.24 22.49 -8.82
C LYS A 410 -21.23 23.53 -8.36
N SER A 411 -21.30 23.88 -7.08
CA SER A 411 -20.43 24.88 -6.49
C SER A 411 -19.31 24.29 -5.65
N ALA A 412 -19.16 22.96 -5.66
CA ALA A 412 -18.14 22.24 -4.91
C ALA A 412 -18.32 22.40 -3.40
N HIS A 413 -19.38 23.08 -2.98
CA HIS A 413 -19.72 23.23 -1.57
C HIS A 413 -20.93 22.41 -1.18
N ALA A 414 -21.91 22.28 -2.07
CA ALA A 414 -23.02 21.37 -1.80
C ALA A 414 -22.54 19.94 -1.68
N LEU A 415 -21.55 19.56 -2.48
CA LEU A 415 -20.98 18.22 -2.40
C LEU A 415 -20.40 17.96 -1.02
N VAL A 416 -19.65 18.92 -0.49
CA VAL A 416 -19.04 18.75 0.83
C VAL A 416 -20.12 18.54 1.87
N GLY A 417 -21.16 19.38 1.85
CA GLY A 417 -22.21 19.27 2.85
C GLY A 417 -22.96 17.96 2.76
N LEU A 418 -23.34 17.56 1.55
CA LEU A 418 -24.10 16.33 1.41
C LEU A 418 -23.27 15.11 1.79
N LEU A 419 -21.98 15.10 1.40
CA LEU A 419 -21.12 13.99 1.80
C LEU A 419 -20.97 13.94 3.30
N ASN A 420 -20.80 15.11 3.94
CA ASN A 420 -20.71 15.14 5.39
C ASN A 420 -21.97 14.58 6.04
N ASP A 421 -23.14 14.99 5.53
CA ASP A 421 -24.39 14.50 6.09
C ASP A 421 -24.50 12.98 5.95
N LEU A 422 -24.30 12.47 4.74
CA LEU A 422 -24.42 11.04 4.50
C LEU A 422 -23.43 10.26 5.37
N PHE A 423 -22.17 10.68 5.41
CA PHE A 423 -21.18 9.91 6.15
C PHE A 423 -21.38 10.04 7.66
N GLY A 424 -21.89 11.18 8.13
CA GLY A 424 -22.24 11.29 9.53
C GLY A 424 -23.34 10.33 9.91
N ARG A 425 -24.39 10.25 9.10
CA ARG A 425 -25.42 9.26 9.36
C ARG A 425 -24.85 7.85 9.31
N PHE A 426 -23.96 7.59 8.35
CA PHE A 426 -23.42 6.25 8.17
C PHE A 426 -22.60 5.80 9.37
N ASP A 427 -21.64 6.63 9.80
CA ASP A 427 -20.80 6.21 10.90
C ASP A 427 -21.54 6.27 12.23
N ARG A 428 -22.54 7.17 12.36
CA ARG A 428 -23.42 7.11 13.51
C ARG A 428 -24.08 5.74 13.59
N LEU A 429 -24.73 5.33 12.49
CA LEU A 429 -25.30 3.99 12.39
C LEU A 429 -24.27 2.93 12.71
N CYS A 430 -23.01 3.18 12.36
CA CYS A 430 -21.94 2.27 12.73
C CYS A 430 -21.85 2.10 14.24
N GLU A 431 -21.88 3.22 14.98
CA GLU A 431 -21.84 3.05 16.44
C GLU A 431 -23.09 2.34 16.96
N GLU A 432 -24.28 2.68 16.46
CA GLU A 432 -25.45 1.97 17.00
C GLU A 432 -25.44 0.48 16.63
N THR A 433 -24.75 0.11 15.56
CA THR A 433 -24.68 -1.30 15.17
C THR A 433 -23.34 -1.95 15.44
N LYS A 434 -22.37 -1.21 15.99
CA LYS A 434 -21.11 -1.79 16.46
C LYS A 434 -20.33 -2.45 15.34
N CYS A 435 -20.02 -1.68 14.30
CA CYS A 435 -19.17 -2.14 13.21
C CYS A 435 -18.00 -1.18 13.05
N GLU A 436 -16.86 -1.73 12.64
CA GLU A 436 -15.61 -0.96 12.59
C GLU A 436 -15.39 -0.44 11.17
N LYS A 437 -15.36 0.88 11.03
CA LYS A 437 -15.06 1.51 9.77
C LYS A 437 -13.57 1.37 9.45
N ILE A 438 -13.21 1.59 8.19
CA ILE A 438 -11.81 1.57 7.79
C ILE A 438 -11.42 2.90 7.17
N SER A 439 -12.02 3.24 6.04
CA SER A 439 -11.71 4.47 5.31
C SER A 439 -12.73 4.63 4.20
N THR A 440 -12.55 5.66 3.37
CA THR A 440 -13.41 5.93 2.24
C THR A 440 -12.54 6.28 1.02
N LEU A 441 -13.00 5.84 -0.15
CA LEU A 441 -12.32 6.14 -1.41
C LEU A 441 -13.25 7.01 -2.26
N GLY A 442 -13.17 8.32 -2.07
CA GLY A 442 -13.97 9.22 -2.86
C GLY A 442 -15.46 8.98 -2.73
N ASP A 443 -16.05 8.39 -3.77
CA ASP A 443 -17.47 8.08 -3.79
C ASP A 443 -17.83 6.76 -3.12
N CYS A 444 -16.85 6.04 -2.58
CA CYS A 444 -17.08 4.71 -2.05
C CYS A 444 -16.79 4.67 -0.56
N TYR A 445 -17.60 3.89 0.16
CA TYR A 445 -17.51 3.77 1.61
C TYR A 445 -17.49 2.29 1.95
N TYR A 446 -16.55 1.86 2.78
CA TYR A 446 -16.44 0.44 3.10
C TYR A 446 -16.10 0.26 4.56
N CYS A 447 -16.51 -0.90 5.09
CA CYS A 447 -16.33 -1.23 6.49
C CYS A 447 -16.03 -2.71 6.64
N VAL A 448 -15.63 -3.08 7.85
CA VAL A 448 -15.30 -4.46 8.19
C VAL A 448 -15.99 -4.80 9.50
N ALA A 449 -16.10 -6.10 9.77
CA ALA A 449 -16.80 -6.61 10.94
C ALA A 449 -15.86 -7.45 11.78
N GLY A 450 -15.79 -7.14 13.08
CA GLY A 450 -14.98 -7.92 14.00
C GLY A 450 -13.51 -7.92 13.68
N CYS A 451 -12.96 -6.77 13.30
CA CYS A 451 -11.53 -6.71 12.95
C CYS A 451 -10.60 -6.73 14.16
N PRO A 452 -10.89 -6.02 15.28
CA PRO A 452 -9.94 -6.09 16.40
C PRO A 452 -10.03 -7.43 17.12
N GLU A 453 -11.26 -7.92 17.30
CA GLU A 453 -11.50 -9.17 17.98
C GLU A 453 -12.71 -9.81 17.29
N PRO A 454 -12.67 -11.12 17.05
CA PRO A 454 -13.77 -11.76 16.33
C PRO A 454 -15.10 -11.65 17.07
N ARG A 455 -16.18 -11.53 16.30
CA ARG A 455 -17.53 -11.47 16.84
C ARG A 455 -18.36 -12.59 16.24
N ALA A 456 -19.25 -13.16 17.06
CA ALA A 456 -19.97 -14.36 16.67
C ALA A 456 -21.13 -14.08 15.71
N ASP A 457 -21.57 -12.83 15.57
CA ASP A 457 -22.68 -12.48 14.71
C ASP A 457 -22.31 -11.31 13.81
N HIS A 458 -21.13 -11.40 13.18
CA HIS A 458 -20.67 -10.33 12.31
C HIS A 458 -21.53 -10.18 11.07
N ALA A 459 -21.97 -11.31 10.48
CA ALA A 459 -22.72 -11.26 9.24
C ALA A 459 -24.06 -10.55 9.42
N TYR A 460 -24.75 -10.82 10.53
CA TYR A 460 -26.03 -10.18 10.79
C TYR A 460 -25.85 -8.68 10.98
N CYS A 461 -24.80 -8.27 11.69
CA CYS A 461 -24.52 -6.86 11.85
C CYS A 461 -24.22 -6.20 10.51
N CYS A 462 -23.45 -6.89 9.65
CA CYS A 462 -23.08 -6.31 8.37
C CYS A 462 -24.30 -6.15 7.46
N ILE A 463 -25.16 -7.16 7.40
CA ILE A 463 -26.36 -7.03 6.57
C ILE A 463 -27.31 -5.99 7.15
N GLU A 464 -27.36 -5.87 8.48
CA GLU A 464 -28.16 -4.80 9.08
C GLU A 464 -27.61 -3.44 8.70
N MET A 465 -26.28 -3.31 8.63
CA MET A 465 -25.68 -2.08 8.12
C MET A 465 -26.10 -1.81 6.69
N GLY A 466 -26.15 -2.86 5.87
CA GLY A 466 -26.62 -2.67 4.50
C GLY A 466 -28.03 -2.14 4.44
N LEU A 467 -28.93 -2.74 5.23
CA LEU A 467 -30.32 -2.29 5.25
C LEU A 467 -30.44 -0.88 5.78
N GLY A 468 -29.68 -0.55 6.82
CA GLY A 468 -29.70 0.81 7.35
C GLY A 468 -29.16 1.82 6.35
N MET A 469 -28.13 1.43 5.59
CA MET A 469 -27.62 2.28 4.53
C MET A 469 -28.70 2.56 3.49
N ILE A 470 -29.43 1.53 3.09
CA ILE A 470 -30.51 1.70 2.13
C ILE A 470 -31.57 2.64 2.68
N ARG A 471 -31.95 2.44 3.94
CA ARG A 471 -32.96 3.30 4.55
C ARG A 471 -32.49 4.75 4.60
N ALA A 472 -31.26 4.99 5.01
CA ALA A 472 -30.75 6.35 5.11
C ALA A 472 -30.68 7.03 3.75
N ILE A 473 -30.19 6.30 2.73
CA ILE A 473 -30.07 6.91 1.41
C ILE A 473 -31.44 7.19 0.82
N GLU A 474 -32.42 6.30 1.06
CA GLU A 474 -33.76 6.57 0.54
C GLU A 474 -34.42 7.73 1.28
N GLN A 475 -34.16 7.85 2.58
CA GLN A 475 -34.69 8.98 3.33
C GLN A 475 -34.12 10.30 2.82
N PHE A 476 -32.80 10.34 2.58
CA PHE A 476 -32.22 11.56 2.03
C PHE A 476 -32.72 11.85 0.62
N CYS A 477 -32.91 10.80 -0.19
CA CYS A 477 -33.43 10.98 -1.54
C CYS A 477 -34.83 11.58 -1.51
N GLN A 478 -35.69 11.08 -0.62
CA GLN A 478 -37.03 11.62 -0.53
C GLN A 478 -37.03 13.02 0.06
N GLU A 479 -36.12 13.31 0.98
CA GLU A 479 -36.06 14.62 1.61
C GLU A 479 -35.60 15.69 0.63
N LYS A 480 -34.39 15.54 0.09
CA LYS A 480 -33.80 16.58 -0.74
C LYS A 480 -34.06 16.38 -2.22
N LYS A 481 -34.69 15.27 -2.60
CA LYS A 481 -35.12 15.02 -3.98
C LYS A 481 -33.93 14.95 -4.95
N GLU A 482 -33.06 13.96 -4.73
CA GLU A 482 -32.02 13.60 -5.68
C GLU A 482 -32.00 12.08 -5.81
N MET A 483 -32.28 11.57 -7.00
CA MET A 483 -32.36 10.13 -7.25
C MET A 483 -30.95 9.57 -7.33
N VAL A 484 -30.46 9.06 -6.21
CA VAL A 484 -29.17 8.39 -6.13
C VAL A 484 -29.38 7.04 -5.47
N ASN A 485 -28.46 6.11 -5.74
CA ASN A 485 -28.58 4.74 -5.27
C ASN A 485 -27.23 4.25 -4.78
N MET A 486 -27.26 3.20 -3.96
CA MET A 486 -26.06 2.58 -3.41
C MET A 486 -25.95 1.14 -3.90
N ARG A 487 -24.94 0.88 -4.72
CA ARG A 487 -24.54 -0.48 -5.02
C ARG A 487 -23.79 -1.03 -3.82
N VAL A 488 -24.25 -2.17 -3.31
CA VAL A 488 -23.76 -2.71 -2.04
C VAL A 488 -23.22 -4.12 -2.28
N GLY A 489 -22.04 -4.39 -1.72
CA GLY A 489 -21.45 -5.71 -1.81
C GLY A 489 -20.86 -6.18 -0.50
N VAL A 490 -20.94 -7.49 -0.22
CA VAL A 490 -20.45 -8.04 1.02
C VAL A 490 -19.67 -9.32 0.72
N HIS A 491 -18.75 -9.67 1.61
CA HIS A 491 -17.98 -10.90 1.49
C HIS A 491 -17.46 -11.31 2.86
N THR A 492 -17.08 -12.58 2.97
CA THR A 492 -16.47 -13.11 4.19
C THR A 492 -15.25 -13.96 3.82
N GLY A 493 -14.33 -14.06 4.78
CA GLY A 493 -13.12 -14.84 4.56
C GLY A 493 -12.02 -14.60 5.57
N THR A 494 -10.79 -14.41 5.09
CA THR A 494 -9.65 -14.11 5.94
C THR A 494 -8.89 -12.92 5.37
N VAL A 495 -8.22 -12.18 6.25
CA VAL A 495 -7.56 -10.94 5.85
C VAL A 495 -6.46 -10.63 6.86
N LEU A 496 -5.40 -9.98 6.40
CA LEU A 496 -4.30 -9.60 7.27
C LEU A 496 -4.30 -8.09 7.46
N CYS A 497 -4.21 -7.65 8.71
CA CYS A 497 -4.36 -6.25 9.09
C CYS A 497 -3.04 -5.68 9.58
N GLY A 498 -2.83 -4.40 9.30
CA GLY A 498 -1.63 -3.73 9.76
C GLY A 498 -1.61 -2.28 9.35
N ILE A 499 -0.53 -1.60 9.72
CA ILE A 499 -0.30 -0.21 9.38
C ILE A 499 1.00 -0.12 8.58
N LEU A 500 0.94 0.56 7.44
CA LEU A 500 2.08 0.63 6.54
C LEU A 500 2.47 2.08 6.30
N GLY A 501 3.75 2.28 5.97
CA GLY A 501 4.28 3.60 5.71
C GLY A 501 4.59 4.36 6.99
N MET A 502 5.34 5.46 6.82
CA MET A 502 5.60 6.38 7.91
C MET A 502 4.95 7.74 7.71
N ARG A 503 4.61 8.08 6.47
CA ARG A 503 3.86 9.28 6.17
C ARG A 503 2.42 8.91 5.81
N ARG A 504 1.47 9.64 6.38
CA ARG A 504 0.04 9.42 6.13
C ARG A 504 -0.41 8.00 6.45
N PHE A 505 0.33 7.32 7.33
CA PHE A 505 0.05 5.92 7.64
C PHE A 505 -1.33 5.77 8.26
N LYS A 506 -2.08 4.78 7.79
CA LYS A 506 -3.41 4.50 8.29
C LYS A 506 -3.59 3.00 8.43
N PHE A 507 -4.32 2.58 9.45
CA PHE A 507 -4.62 1.17 9.65
C PHE A 507 -5.44 0.65 8.48
N ASP A 508 -5.13 -0.57 8.03
CA ASP A 508 -5.82 -1.14 6.88
C ASP A 508 -5.74 -2.66 6.91
N VAL A 509 -6.40 -3.29 5.94
CA VAL A 509 -6.45 -4.74 5.80
C VAL A 509 -6.21 -5.12 4.35
N TRP A 510 -5.68 -6.32 4.14
CA TRP A 510 -5.31 -6.82 2.82
C TRP A 510 -5.59 -8.30 2.68
N SER A 511 -6.18 -8.67 1.55
CA SER A 511 -6.29 -10.05 1.06
C SER A 511 -6.97 -10.07 -0.29
N ASN A 512 -7.12 -11.26 -0.87
CA ASN A 512 -7.88 -11.38 -2.11
C ASN A 512 -9.36 -11.16 -1.87
N ASP A 513 -9.83 -11.38 -0.63
CA ASP A 513 -11.24 -11.19 -0.31
C ASP A 513 -11.69 -9.77 -0.58
N VAL A 514 -10.80 -8.79 -0.39
CA VAL A 514 -11.14 -7.41 -0.71
C VAL A 514 -11.44 -7.27 -2.20
N ASN A 515 -10.60 -7.88 -3.04
CA ASN A 515 -10.84 -7.84 -4.48
C ASN A 515 -12.15 -8.54 -4.83
N LEU A 516 -12.41 -9.70 -4.22
CA LEU A 516 -13.66 -10.41 -4.48
C LEU A 516 -14.87 -9.57 -4.12
N ALA A 517 -14.84 -8.93 -2.94
CA ALA A 517 -15.97 -8.10 -2.52
C ALA A 517 -16.14 -6.90 -3.44
N ASN A 518 -15.04 -6.26 -3.84
CA ASN A 518 -15.14 -5.13 -4.74
C ASN A 518 -15.76 -5.53 -6.07
N LEU A 519 -15.31 -6.66 -6.62
CA LEU A 519 -15.88 -7.11 -7.90
C LEU A 519 -17.34 -7.51 -7.74
N MET A 520 -17.70 -8.15 -6.64
CA MET A 520 -19.09 -8.55 -6.44
C MET A 520 -20.00 -7.33 -6.32
N GLU A 521 -19.54 -6.30 -5.60
CA GLU A 521 -20.29 -5.05 -5.56
C GLU A 521 -20.36 -4.41 -6.94
N GLN A 522 -19.29 -4.53 -7.74
CA GLN A 522 -19.35 -4.09 -9.13
C GLN A 522 -20.40 -4.87 -9.91
N LEU A 523 -20.70 -6.10 -9.49
CA LEU A 523 -21.70 -6.93 -10.14
C LEU A 523 -23.05 -6.86 -9.45
N GLY A 524 -23.19 -6.02 -8.43
CA GLY A 524 -24.44 -5.91 -7.70
C GLY A 524 -25.44 -5.00 -8.38
N VAL A 525 -26.62 -4.91 -7.78
CA VAL A 525 -27.72 -4.10 -8.30
C VAL A 525 -28.10 -3.06 -7.26
N ALA A 526 -28.57 -1.91 -7.76
CA ALA A 526 -28.94 -0.80 -6.88
C ALA A 526 -30.13 -1.17 -6.01
N GLY A 527 -30.06 -0.80 -4.73
CA GLY A 527 -31.13 -1.04 -3.81
C GLY A 527 -31.09 -2.38 -3.12
N LYS A 528 -30.29 -3.33 -3.62
CA LYS A 528 -30.20 -4.66 -3.04
C LYS A 528 -28.74 -4.99 -2.77
N VAL A 529 -28.53 -5.92 -1.84
CA VAL A 529 -27.19 -6.33 -1.43
C VAL A 529 -26.82 -7.60 -2.18
N HIS A 530 -25.59 -7.62 -2.72
CA HIS A 530 -25.09 -8.72 -3.53
C HIS A 530 -24.16 -9.55 -2.66
N ILE A 531 -24.64 -10.72 -2.22
CA ILE A 531 -23.94 -11.51 -1.22
C ILE A 531 -23.31 -12.73 -1.88
N SER A 532 -22.46 -13.42 -1.12
CA SER A 532 -21.83 -14.65 -1.56
C SER A 532 -22.25 -15.80 -0.65
N GLU A 533 -22.19 -17.02 -1.19
CA GLU A 533 -22.52 -18.19 -0.40
C GLU A 533 -21.55 -18.34 0.77
N ALA A 534 -20.30 -17.90 0.60
CA ALA A 534 -19.37 -17.90 1.72
C ALA A 534 -19.92 -17.13 2.91
N THR A 535 -20.68 -16.06 2.63
CA THR A 535 -21.40 -15.37 3.69
C THR A 535 -22.64 -16.16 4.12
N ALA A 536 -23.22 -16.94 3.22
CA ALA A 536 -24.51 -17.58 3.45
C ALA A 536 -24.40 -18.93 4.15
N LYS A 537 -23.19 -19.43 4.41
CA LYS A 537 -23.06 -20.71 5.07
C LYS A 537 -23.61 -20.68 6.49
N TYR A 538 -23.76 -19.50 7.09
CA TYR A 538 -24.27 -19.36 8.45
C TYR A 538 -25.25 -18.20 8.53
N LEU A 539 -26.19 -18.15 7.58
CA LEU A 539 -27.09 -17.01 7.47
C LEU A 539 -28.38 -17.18 8.27
N ASP A 540 -28.78 -18.42 8.55
CA ASP A 540 -29.98 -18.74 9.33
C ASP A 540 -31.26 -18.29 8.65
N ASP A 541 -31.19 -18.01 7.33
CA ASP A 541 -32.31 -17.77 6.43
C ASP A 541 -33.47 -17.00 7.05
N ARG A 542 -33.17 -15.98 7.86
CA ARG A 542 -34.16 -15.11 8.44
C ARG A 542 -34.48 -13.91 7.57
N TYR A 543 -34.19 -13.99 6.28
CA TYR A 543 -34.20 -12.81 5.41
C TYR A 543 -34.82 -13.21 4.07
N GLU A 544 -34.61 -12.37 3.07
CA GLU A 544 -35.24 -12.54 1.75
C GLU A 544 -34.29 -13.33 0.85
N MET A 545 -34.39 -14.65 0.91
CA MET A 545 -33.52 -15.50 0.11
C MET A 545 -33.87 -15.41 -1.36
N GLU A 546 -32.88 -15.01 -2.17
CA GLU A 546 -33.00 -15.04 -3.62
C GLU A 546 -31.67 -15.48 -4.20
N ASP A 547 -31.71 -15.97 -5.44
CA ASP A 547 -30.49 -16.31 -6.17
C ASP A 547 -30.24 -15.21 -7.20
N GLY A 548 -29.29 -14.33 -6.88
CA GLY A 548 -28.92 -13.27 -7.79
C GLY A 548 -27.68 -13.60 -8.60
N LYS A 549 -27.86 -13.88 -9.88
CA LYS A 549 -26.75 -14.19 -10.78
C LYS A 549 -26.61 -13.10 -11.83
N VAL A 550 -25.42 -13.04 -12.44
CA VAL A 550 -25.12 -12.01 -13.42
C VAL A 550 -25.89 -12.28 -14.70
N THR A 551 -26.32 -11.21 -15.36
CA THR A 551 -27.02 -11.31 -16.63
C THR A 551 -26.10 -11.17 -17.83
N GLU A 552 -24.80 -10.98 -17.61
CA GLU A 552 -23.85 -10.82 -18.70
C GLU A 552 -23.43 -12.17 -19.26
N LEU A 566 -20.53 -17.57 -9.26
CA LEU A 566 -19.68 -18.31 -8.36
C LEU A 566 -20.28 -18.35 -6.95
N LYS A 567 -21.44 -18.98 -6.83
CA LYS A 567 -22.15 -19.13 -5.55
C LYS A 567 -22.47 -17.78 -4.93
N THR A 568 -23.28 -17.00 -5.65
CA THR A 568 -23.67 -15.67 -5.23
C THR A 568 -25.18 -15.54 -5.19
N TYR A 569 -25.67 -14.54 -4.45
CA TYR A 569 -27.09 -14.32 -4.26
C TYR A 569 -27.36 -12.82 -4.21
N LEU A 570 -28.63 -12.46 -4.30
CA LEU A 570 -29.08 -11.09 -4.15
C LEU A 570 -30.19 -11.04 -3.10
N ILE A 571 -30.13 -10.03 -2.22
CA ILE A 571 -31.14 -9.83 -1.19
C ILE A 571 -31.67 -8.40 -1.36
N ALA A 572 -32.97 -8.28 -1.58
CA ALA A 572 -33.60 -6.99 -1.83
C ALA A 572 -33.98 -6.25 -0.55
N GLY A 573 -33.76 -6.85 0.61
CA GLY A 573 -34.06 -6.21 1.87
C GLY A 573 -34.79 -7.16 2.78
N GLN A 574 -35.35 -6.61 3.85
CA GLN A 574 -36.11 -7.37 4.85
C GLN A 574 -35.31 -8.55 5.39
N THR A 1020 7.41 20.30 32.00
CA THR A 1020 7.83 21.02 30.80
C THR A 1020 7.51 20.22 29.54
N LYS A 1021 6.58 19.28 29.67
CA LYS A 1021 6.16 18.44 28.55
C LYS A 1021 5.23 19.16 27.58
N ILE A 1022 4.71 20.32 27.96
CA ILE A 1022 3.74 21.00 27.09
C ILE A 1022 4.36 21.40 25.77
N GLN A 1023 5.67 21.69 25.74
CA GLN A 1023 6.32 21.90 24.45
C GLN A 1023 6.51 20.58 23.71
N SER A 1024 6.91 19.53 24.43
CA SER A 1024 7.03 18.22 23.82
C SER A 1024 5.68 17.75 23.29
N MET A 1025 4.64 17.89 24.11
CA MET A 1025 3.31 17.49 23.66
C MET A 1025 2.81 18.38 22.54
N ARG A 1026 3.19 19.67 22.55
CA ARG A 1026 2.83 20.54 21.44
C ARG A 1026 3.47 20.07 20.15
N ASP A 1027 4.75 19.72 20.20
CA ASP A 1027 5.42 19.21 19.00
C ASP A 1027 4.80 17.91 18.54
N GLN A 1028 4.49 17.01 19.47
CA GLN A 1028 3.85 15.74 19.12
C GLN A 1028 2.51 15.98 18.43
N ALA A 1029 1.66 16.81 19.04
CA ALA A 1029 0.33 17.05 18.49
C ALA A 1029 0.40 17.75 17.14
N ASP A 1030 1.30 18.73 17.00
CA ASP A 1030 1.37 19.43 15.72
C ASP A 1030 1.96 18.54 14.63
N TRP A 1031 2.89 17.65 14.98
CA TRP A 1031 3.36 16.68 14.01
C TRP A 1031 2.24 15.77 13.55
N LEU A 1032 1.41 15.31 14.49
CA LEU A 1032 0.27 14.49 14.11
C LEU A 1032 -0.72 15.25 13.23
N LEU A 1033 -0.93 16.53 13.54
CA LEU A 1033 -1.82 17.34 12.72
C LEU A 1033 -1.30 17.46 11.30
N ARG A 1034 0.02 17.68 11.14
CA ARG A 1034 0.58 17.67 9.79
C ARG A 1034 0.49 16.30 9.16
N ASN A 1035 0.54 15.24 9.97
CA ASN A 1035 0.40 13.89 9.45
C ASN A 1035 -0.95 13.68 8.80
N ILE A 1036 -2.01 14.17 9.44
CA ILE A 1036 -3.36 13.91 8.92
C ILE A 1036 -3.79 14.95 7.89
N ILE A 1037 -3.54 16.24 8.13
CA ILE A 1037 -3.98 17.26 7.18
C ILE A 1037 -2.80 18.16 6.79
N PRO A 1038 -2.82 18.74 5.60
CA PRO A 1038 -1.71 19.60 5.18
C PRO A 1038 -1.65 20.92 5.93
N TYR A 1039 -0.70 21.78 5.54
CA TYR A 1039 -0.45 23.03 6.23
C TYR A 1039 -1.41 24.12 5.78
N HIS A 1040 -1.67 24.21 4.49
CA HIS A 1040 -2.55 25.25 3.97
C HIS A 1040 -3.95 25.11 4.55
N VAL A 1041 -4.46 23.88 4.60
CA VAL A 1041 -5.78 23.65 5.18
C VAL A 1041 -5.75 23.93 6.67
N ALA A 1042 -4.63 23.66 7.35
CA ALA A 1042 -4.54 23.93 8.78
C ALA A 1042 -4.66 25.43 9.05
N GLU A 1043 -3.98 26.25 8.23
CA GLU A 1043 -4.03 27.69 8.46
C GLU A 1043 -5.35 28.30 7.97
N GLN A 1044 -5.96 27.74 6.93
CA GLN A 1044 -7.24 28.27 6.48
C GLN A 1044 -8.39 27.84 7.39
N LEU A 1045 -8.22 26.72 8.08
CA LEU A 1045 -9.32 26.17 8.89
C LEU A 1045 -9.51 26.92 10.19
N LYS A 1046 -8.45 27.46 10.77
CA LYS A 1046 -8.51 27.96 12.14
C LYS A 1046 -9.53 29.10 12.28
N VAL A 1047 -9.85 29.77 11.19
CA VAL A 1047 -10.79 30.88 11.20
C VAL A 1047 -12.15 30.46 10.61
N SER A 1048 -12.43 29.18 10.55
CA SER A 1048 -13.68 28.70 9.96
C SER A 1048 -14.05 27.37 10.60
N GLN A 1049 -15.02 26.68 10.00
CA GLN A 1049 -15.47 25.38 10.47
C GLN A 1049 -14.99 24.25 9.56
N THR A 1050 -15.24 24.34 8.26
CA THR A 1050 -14.91 23.28 7.33
C THR A 1050 -14.03 23.79 6.19
N TYR A 1051 -13.81 22.95 5.19
CA TYR A 1051 -12.89 23.26 4.10
C TYR A 1051 -13.45 22.76 2.78
N SER A 1052 -13.14 23.47 1.71
CA SER A 1052 -13.50 23.06 0.35
C SER A 1052 -12.76 23.95 -0.64
N LYS A 1053 -12.27 23.35 -1.72
CA LYS A 1053 -11.61 24.12 -2.76
C LYS A 1053 -11.70 23.36 -4.07
N ASN A 1054 -11.56 24.10 -5.18
CA ASN A 1054 -11.62 23.54 -6.51
C ASN A 1054 -10.48 24.10 -7.33
N HIS A 1055 -9.87 23.25 -8.16
CA HIS A 1055 -8.82 23.67 -9.07
C HIS A 1055 -9.15 23.17 -10.47
N ASP A 1056 -9.11 24.07 -11.45
CA ASP A 1056 -9.47 23.72 -12.81
C ASP A 1056 -8.40 22.89 -13.52
N SER A 1057 -7.20 22.78 -12.95
CA SER A 1057 -6.11 22.05 -13.60
C SER A 1057 -5.15 21.54 -12.54
N GLY A 1058 -4.79 20.26 -12.64
CA GLY A 1058 -3.83 19.66 -11.74
C GLY A 1058 -3.50 18.24 -12.17
N GLY A 1059 -2.31 17.77 -11.80
CA GLY A 1059 -1.92 16.41 -12.16
C GLY A 1059 -2.37 15.39 -11.13
N VAL A 1060 -2.20 14.13 -11.49
CA VAL A 1060 -2.48 13.01 -10.60
C VAL A 1060 -1.81 11.77 -11.15
N ILE A 1061 -1.23 10.96 -10.26
CA ILE A 1061 -0.57 9.71 -10.66
C ILE A 1061 -0.97 8.60 -9.70
N PHE A 1062 -1.20 7.42 -10.29
CA PHE A 1062 -1.42 6.19 -9.54
C PHE A 1062 -0.29 5.22 -9.88
N ALA A 1063 0.21 4.53 -8.86
CA ALA A 1063 1.31 3.59 -9.07
C ALA A 1063 1.12 2.38 -8.18
N SER A 1064 1.08 1.20 -8.79
CA SER A 1064 0.81 -0.04 -8.06
C SER A 1064 1.79 -1.12 -8.44
N ILE A 1065 2.19 -1.93 -7.46
CA ILE A 1065 3.04 -3.08 -7.69
C ILE A 1065 2.20 -4.16 -8.35
N VAL A 1066 2.69 -4.70 -9.46
CA VAL A 1066 1.87 -5.58 -10.30
C VAL A 1066 2.12 -7.06 -9.99
N ASN A 1067 3.37 -7.44 -9.78
CA ASN A 1067 3.71 -8.84 -9.52
C ASN A 1067 3.75 -9.17 -8.04
N PHE A 1068 3.17 -8.32 -7.19
CA PHE A 1068 3.15 -8.59 -5.77
C PHE A 1068 2.15 -9.69 -5.42
N SER A 1069 1.20 -9.95 -6.31
CA SER A 1069 0.11 -10.87 -6.00
C SER A 1069 0.61 -12.30 -5.81
N GLU A 1070 1.43 -12.79 -6.73
CA GLU A 1070 1.88 -14.18 -6.64
C GLU A 1070 2.85 -14.40 -5.49
N PHE A 1071 3.38 -13.33 -4.90
CA PHE A 1071 4.29 -13.41 -3.77
C PHE A 1071 3.57 -13.60 -2.44
N TYR A 1072 2.35 -14.14 -2.47
CA TYR A 1072 1.53 -14.29 -1.26
C TYR A 1072 1.59 -15.69 -0.67
N GLU A 1073 2.74 -16.36 -0.77
CA GLU A 1073 2.87 -17.68 -0.16
C GLU A 1073 2.65 -17.59 1.34
N GLU A 1074 1.64 -18.30 1.83
CA GLU A 1074 1.26 -18.26 3.24
C GLU A 1074 1.57 -19.59 3.93
N ASN A 1075 2.64 -20.26 3.51
CA ASN A 1075 3.07 -21.47 4.20
C ASN A 1075 3.47 -21.14 5.64
N TYR A 1076 4.19 -20.04 5.84
CA TYR A 1076 4.43 -19.51 7.17
C TYR A 1076 3.12 -18.96 7.75
N GLU A 1077 2.98 -19.08 9.06
CA GLU A 1077 1.75 -18.69 9.74
C GLU A 1077 1.63 -17.18 9.71
N GLY A 1078 0.80 -16.67 8.80
CA GLY A 1078 0.55 -15.26 8.67
C GLY A 1078 1.18 -14.62 7.44
N GLY A 1079 2.37 -15.05 7.05
CA GLY A 1079 3.06 -14.41 5.94
C GLY A 1079 3.35 -12.95 6.19
N LYS A 1080 3.65 -12.59 7.43
CA LYS A 1080 3.82 -11.20 7.82
C LYS A 1080 5.15 -10.62 7.36
N GLU A 1081 6.13 -11.47 7.04
CA GLU A 1081 7.43 -10.96 6.61
C GLU A 1081 7.37 -10.38 5.20
N CYS A 1082 6.54 -10.94 4.33
CA CYS A 1082 6.32 -10.35 3.02
C CYS A 1082 5.78 -8.93 3.15
N TYR A 1083 4.83 -8.73 4.06
CA TYR A 1083 4.30 -7.39 4.26
C TYR A 1083 5.29 -6.50 5.01
N ARG A 1084 6.20 -7.09 5.80
CA ARG A 1084 7.31 -6.29 6.32
C ARG A 1084 8.19 -5.78 5.20
N VAL A 1085 8.47 -6.62 4.20
CA VAL A 1085 9.24 -6.19 3.04
C VAL A 1085 8.50 -5.09 2.28
N LEU A 1086 7.18 -5.25 2.13
CA LEU A 1086 6.38 -4.21 1.51
C LEU A 1086 6.46 -2.92 2.31
N ASN A 1087 6.47 -3.03 3.64
CA ASN A 1087 6.68 -1.87 4.49
C ASN A 1087 8.03 -1.22 4.20
N GLU A 1088 9.07 -2.02 4.03
CA GLU A 1088 10.39 -1.47 3.71
C GLU A 1088 10.36 -0.68 2.42
N LEU A 1089 9.75 -1.25 1.39
CA LEU A 1089 9.70 -0.56 0.10
C LEU A 1089 8.89 0.73 0.19
N ILE A 1090 7.75 0.68 0.88
CA ILE A 1090 6.92 1.88 1.01
C ILE A 1090 7.63 2.93 1.85
N GLY A 1091 8.37 2.50 2.86
CA GLY A 1091 9.16 3.46 3.64
C GLY A 1091 10.26 4.09 2.82
N ASP A 1092 10.86 3.32 1.90
CA ASP A 1092 11.81 3.91 0.97
C ASP A 1092 11.13 4.97 0.11
N PHE A 1093 9.91 4.68 -0.36
CA PHE A 1093 9.16 5.69 -1.10
C PHE A 1093 8.90 6.92 -0.24
N ASP A 1094 8.57 6.71 1.03
CA ASP A 1094 8.29 7.82 1.94
C ASP A 1094 9.52 8.70 2.14
N GLU A 1095 10.67 8.09 2.46
CA GLU A 1095 11.89 8.85 2.65
C GLU A 1095 12.34 9.53 1.37
N LEU A 1096 11.91 9.01 0.22
CA LEU A 1096 12.15 9.72 -1.04
C LEU A 1096 11.58 11.13 -1.00
N LEU A 1097 10.50 11.37 -0.25
CA LEU A 1097 9.85 12.68 -0.25
C LEU A 1097 10.69 13.78 0.37
N SER A 1098 11.73 13.44 1.13
CA SER A 1098 12.44 14.44 1.92
C SER A 1098 13.22 15.43 1.07
N LYS A 1099 13.39 15.18 -0.23
CA LYS A 1099 14.22 16.03 -1.05
C LYS A 1099 13.63 17.44 -1.14
N PRO A 1100 14.49 18.47 -1.23
CA PRO A 1100 13.98 19.85 -1.24
C PRO A 1100 13.07 20.16 -2.41
N ASP A 1101 13.33 19.58 -3.58
CA ASP A 1101 12.48 19.82 -4.74
C ASP A 1101 11.16 19.04 -4.66
N TYR A 1102 10.92 18.34 -3.56
CA TYR A 1102 9.71 17.53 -3.37
C TYR A 1102 8.76 18.22 -2.39
N SER A 1103 8.66 19.54 -2.50
CA SER A 1103 7.76 20.32 -1.64
C SER A 1103 6.37 20.47 -2.24
N SER A 1104 6.27 20.49 -3.57
CA SER A 1104 5.00 20.68 -4.25
C SER A 1104 4.34 19.37 -4.65
N ILE A 1105 4.70 18.26 -4.00
CA ILE A 1105 4.16 16.94 -4.31
C ILE A 1105 3.53 16.38 -3.06
N GLU A 1106 2.30 15.89 -3.16
CA GLU A 1106 1.55 15.41 -2.01
C GLU A 1106 1.18 13.95 -2.20
N LYS A 1107 1.48 13.14 -1.19
CA LYS A 1107 1.03 11.76 -1.13
C LYS A 1107 -0.37 11.75 -0.56
N ILE A 1108 -1.38 11.50 -1.40
CA ILE A 1108 -2.75 11.64 -0.96
C ILE A 1108 -3.10 10.57 0.06
N LYS A 1109 -2.76 9.32 -0.24
CA LYS A 1109 -3.03 8.20 0.66
C LYS A 1109 -2.37 6.96 0.09
N THR A 1110 -2.47 5.87 0.83
CA THR A 1110 -2.07 4.54 0.36
C THR A 1110 -3.32 3.69 0.23
N ILE A 1111 -3.53 3.11 -0.94
CA ILE A 1111 -4.70 2.29 -1.23
C ILE A 1111 -4.23 0.84 -1.29
N GLY A 1112 -4.51 0.08 -0.24
CA GLY A 1112 -4.04 -1.29 -0.20
C GLY A 1112 -2.52 -1.33 -0.30
N ALA A 1113 -2.01 -1.75 -1.46
CA ALA A 1113 -0.59 -1.69 -1.75
C ALA A 1113 -0.25 -0.66 -2.82
N THR A 1114 -1.20 0.19 -3.21
CA THR A 1114 -1.00 1.13 -4.29
C THR A 1114 -0.40 2.42 -3.71
N TYR A 1115 -0.26 3.44 -4.55
CA TYR A 1115 0.34 4.71 -4.16
C TYR A 1115 -0.27 5.82 -5.02
N MET A 1116 -0.84 6.83 -4.38
CA MET A 1116 -1.54 7.89 -5.09
C MET A 1116 -0.92 9.24 -4.77
N ALA A 1117 -0.57 10.00 -5.81
CA ALA A 1117 0.11 11.27 -5.57
C ALA A 1117 -0.48 12.35 -6.46
N ALA A 1118 -0.37 13.59 -6.00
CA ALA A 1118 -0.93 14.72 -6.72
C ALA A 1118 -0.03 15.94 -6.51
N SER A 1119 -0.35 17.01 -7.23
CA SER A 1119 0.45 18.23 -7.19
C SER A 1119 -0.37 19.39 -7.75
N GLY A 1120 0.28 20.54 -7.89
CA GLY A 1120 -0.34 21.68 -8.52
C GLY A 1120 -1.41 22.37 -7.71
N LEU A 1121 -1.44 22.16 -6.40
CA LEU A 1121 -2.48 22.75 -5.55
C LEU A 1121 -1.94 23.70 -4.50
N ASN A 1122 -0.77 23.40 -3.92
CA ASN A 1122 -0.23 24.27 -2.89
C ASN A 1122 0.32 25.57 -3.47
N ALA A 1123 0.56 25.59 -4.77
CA ALA A 1123 1.13 26.76 -5.44
C ALA A 1123 0.05 27.84 -5.56
N THR A 1124 -0.25 28.47 -4.43
CA THR A 1124 -1.25 29.51 -4.40
C THR A 1124 -0.68 30.90 -4.69
N GLN A 1125 0.62 31.10 -4.48
CA GLN A 1125 1.24 32.38 -4.75
C GLN A 1125 1.68 32.45 -6.21
N CYS A 1126 1.30 33.52 -6.89
CA CYS A 1126 1.56 33.67 -8.33
C CYS A 1126 2.74 34.63 -8.51
N ARG A 1127 3.80 34.14 -9.14
CA ARG A 1127 4.95 34.96 -9.51
C ARG A 1127 5.05 34.98 -11.03
N ASP A 1128 5.08 36.19 -11.60
CA ASP A 1128 5.09 36.34 -13.05
C ASP A 1128 6.44 36.01 -13.68
N GLY A 1129 7.47 35.76 -12.87
CA GLY A 1129 8.77 35.39 -13.40
C GLY A 1129 8.95 33.89 -13.48
N SER A 1130 7.85 33.13 -13.43
CA SER A 1130 7.90 31.68 -13.47
C SER A 1130 6.76 31.15 -14.32
N HIS A 1131 6.98 29.96 -14.89
CA HIS A 1131 5.99 29.32 -15.75
C HIS A 1131 5.07 28.44 -14.90
N PRO A 1132 3.76 28.68 -14.93
CA PRO A 1132 2.87 27.97 -14.00
C PRO A 1132 2.56 26.53 -14.42
N GLN A 1133 3.31 25.99 -15.38
CA GLN A 1133 3.03 24.66 -15.90
C GLN A 1133 4.19 23.68 -15.68
N GLU A 1134 5.15 24.02 -14.82
CA GLU A 1134 6.25 23.12 -14.54
C GLU A 1134 5.91 22.07 -13.49
N HIS A 1135 4.77 22.22 -12.79
CA HIS A 1135 4.41 21.26 -11.76
C HIS A 1135 4.17 19.87 -12.35
N LEU A 1136 3.49 19.81 -13.49
CA LEU A 1136 3.28 18.52 -14.15
C LEU A 1136 4.60 17.89 -14.54
N GLN A 1137 5.52 18.70 -15.08
CA GLN A 1137 6.84 18.18 -15.45
C GLN A 1137 7.56 17.60 -14.25
N ILE A 1138 7.66 18.39 -13.16
CA ILE A 1138 8.45 17.96 -12.01
C ILE A 1138 7.81 16.72 -11.38
N LEU A 1139 6.49 16.62 -11.40
CA LEU A 1139 5.85 15.39 -10.97
C LEU A 1139 6.20 14.22 -11.89
N PHE A 1140 6.36 14.49 -13.20
CA PHE A 1140 6.77 13.45 -14.11
C PHE A 1140 8.15 12.91 -13.77
N GLU A 1141 9.10 13.80 -13.50
CA GLU A 1141 10.36 13.30 -12.96
C GLU A 1141 10.14 12.52 -11.68
N PHE A 1142 9.35 13.05 -10.74
CA PHE A 1142 9.12 12.34 -9.48
C PHE A 1142 8.71 10.90 -9.75
N ALA A 1143 7.85 10.68 -10.74
CA ALA A 1143 7.52 9.32 -11.16
C ALA A 1143 8.76 8.59 -11.67
N LYS A 1144 9.62 9.28 -12.43
CA LYS A 1144 10.81 8.64 -12.95
C LYS A 1144 11.73 8.15 -11.82
N GLU A 1145 11.98 9.00 -10.83
CA GLU A 1145 12.78 8.55 -9.69
C GLU A 1145 12.06 7.48 -8.88
N MET A 1146 10.72 7.47 -8.87
CA MET A 1146 10.00 6.36 -8.24
C MET A 1146 10.38 5.04 -8.92
N MET A 1147 10.35 5.04 -10.25
CA MET A 1147 10.74 3.85 -11.01
C MET A 1147 12.20 3.48 -10.74
N ARG A 1148 13.08 4.49 -10.68
CA ARG A 1148 14.49 4.22 -10.43
C ARG A 1148 14.70 3.57 -9.07
N VAL A 1149 14.02 4.08 -8.04
CA VAL A 1149 14.16 3.52 -6.70
C VAL A 1149 13.64 2.09 -6.65
N VAL A 1150 12.50 1.83 -7.31
CA VAL A 1150 12.03 0.45 -7.28
C VAL A 1150 13.01 -0.46 -8.02
N ASP A 1151 13.68 0.06 -9.06
CA ASP A 1151 14.69 -0.73 -9.76
C ASP A 1151 15.88 -1.04 -8.85
N ASP A 1152 16.34 -0.05 -8.09
CA ASP A 1152 17.44 -0.27 -7.16
C ASP A 1152 17.07 -1.30 -6.10
N PHE A 1153 15.87 -1.19 -5.54
CA PHE A 1153 15.43 -2.16 -4.54
C PHE A 1153 15.35 -3.55 -5.16
N ASN A 1154 14.86 -3.65 -6.39
CA ASN A 1154 14.84 -4.94 -7.08
C ASN A 1154 16.25 -5.51 -7.21
N ASN A 1155 17.23 -4.65 -7.52
CA ASN A 1155 18.60 -5.11 -7.60
C ASN A 1155 19.11 -5.62 -6.26
N ASN A 1156 18.77 -4.93 -5.18
CA ASN A 1156 19.35 -5.24 -3.87
C ASN A 1156 18.69 -6.43 -3.17
N MET A 1157 17.56 -6.92 -3.65
CA MET A 1157 16.86 -8.00 -2.98
C MET A 1157 17.08 -9.32 -3.71
N LEU A 1158 17.09 -10.42 -2.95
CA LEU A 1158 17.50 -11.71 -3.49
C LEU A 1158 16.30 -12.44 -4.10
N TRP A 1159 16.44 -12.79 -5.38
CA TRP A 1159 15.57 -13.74 -6.06
C TRP A 1159 14.09 -13.33 -6.01
N PHE A 1160 13.83 -12.11 -6.47
CA PHE A 1160 12.49 -11.68 -6.87
C PHE A 1160 12.54 -10.31 -7.52
N ASN A 1161 11.80 -10.15 -8.61
CA ASN A 1161 11.67 -8.86 -9.29
C ASN A 1161 10.28 -8.29 -9.06
N PHE A 1162 10.22 -7.00 -8.75
CA PHE A 1162 8.98 -6.31 -8.45
C PHE A 1162 8.77 -5.22 -9.50
N LYS A 1163 7.75 -5.40 -10.34
CA LYS A 1163 7.42 -4.44 -11.39
C LYS A 1163 6.25 -3.58 -10.94
N LEU A 1164 6.12 -2.42 -11.59
CA LEU A 1164 5.09 -1.47 -11.22
C LEU A 1164 4.37 -0.95 -12.45
N ARG A 1165 3.08 -0.67 -12.29
CA ARG A 1165 2.30 0.05 -13.28
C ARG A 1165 2.09 1.47 -12.77
N VAL A 1166 2.23 2.44 -13.68
CA VAL A 1166 2.04 3.85 -13.34
C VAL A 1166 1.15 4.50 -14.39
N GLY A 1167 0.12 5.20 -13.93
CA GLY A 1167 -0.81 5.93 -14.77
C GLY A 1167 -0.85 7.40 -14.42
N PHE A 1168 -0.85 8.24 -15.44
CA PHE A 1168 -0.74 9.69 -15.30
C PHE A 1168 -1.96 10.36 -15.90
N ASN A 1169 -2.44 11.42 -15.25
CA ASN A 1169 -3.57 12.17 -15.78
C ASN A 1169 -3.48 13.61 -15.27
N HIS A 1170 -4.19 14.51 -15.95
CA HIS A 1170 -4.21 15.90 -15.52
C HIS A 1170 -5.51 16.54 -15.98
N GLY A 1171 -5.99 17.49 -15.18
CA GLY A 1171 -7.22 18.19 -15.45
C GLY A 1171 -7.88 18.73 -14.20
N PRO A 1172 -9.15 19.11 -14.29
CA PRO A 1172 -9.84 19.72 -13.15
C PRO A 1172 -10.15 18.72 -12.05
N LEU A 1173 -10.35 19.25 -10.85
CA LEU A 1173 -10.67 18.43 -9.68
C LEU A 1173 -11.04 19.35 -8.52
N THR A 1174 -11.46 18.73 -7.42
CA THR A 1174 -11.79 19.43 -6.19
C THR A 1174 -11.18 18.71 -5.01
N ALA A 1175 -10.95 19.45 -3.92
CA ALA A 1175 -10.37 18.90 -2.71
C ALA A 1175 -11.18 19.35 -1.50
N GLY A 1176 -11.23 18.50 -0.49
CA GLY A 1176 -12.01 18.81 0.69
C GLY A 1176 -11.66 17.95 1.88
N VAL A 1177 -12.34 18.24 2.99
CA VAL A 1177 -12.16 17.55 4.27
C VAL A 1177 -13.51 16.95 4.65
N ILE A 1178 -13.48 15.76 5.23
CA ILE A 1178 -14.71 15.01 5.42
C ILE A 1178 -15.19 15.03 6.87
N GLY A 1179 -14.42 14.44 7.76
CA GLY A 1179 -14.93 14.13 9.08
C GLY A 1179 -15.08 15.35 9.98
N THR A 1180 -15.58 15.09 11.18
CA THR A 1180 -15.60 16.06 12.28
C THR A 1180 -15.59 15.27 13.58
N THR A 1181 -14.63 15.60 14.45
CA THR A 1181 -14.18 14.80 15.60
C THR A 1181 -13.39 13.61 15.08
N LYS A 1182 -13.43 13.42 13.77
CA LYS A 1182 -12.54 12.59 12.97
C LYS A 1182 -12.15 13.43 11.78
N LEU A 1183 -11.02 13.11 11.14
CA LEU A 1183 -10.61 13.91 10.00
C LEU A 1183 -10.09 13.03 8.87
N LEU A 1184 -10.17 13.59 7.67
CA LEU A 1184 -9.72 12.91 6.45
C LEU A 1184 -9.69 13.95 5.34
N TYR A 1185 -8.58 14.03 4.62
CA TYR A 1185 -8.46 14.90 3.47
C TYR A 1185 -8.61 14.06 2.21
N ASP A 1186 -9.27 14.59 1.20
CA ASP A 1186 -9.51 13.81 0.00
C ASP A 1186 -9.79 14.72 -1.18
N ILE A 1187 -9.81 14.12 -2.38
CA ILE A 1187 -10.08 14.84 -3.61
C ILE A 1187 -11.06 14.04 -4.46
N TRP A 1188 -11.76 14.75 -5.33
CA TRP A 1188 -12.72 14.15 -6.25
C TRP A 1188 -12.63 14.86 -7.59
N GLY A 1189 -13.30 14.27 -8.58
CA GLY A 1189 -13.34 14.81 -9.92
C GLY A 1189 -13.42 13.72 -10.97
N ASP A 1190 -13.52 14.12 -12.24
CA ASP A 1190 -13.46 13.14 -13.32
C ASP A 1190 -12.04 12.61 -13.49
N THR A 1191 -11.04 13.48 -13.31
CA THR A 1191 -9.67 13.12 -13.63
C THR A 1191 -9.17 11.99 -12.75
N VAL A 1192 -9.57 11.95 -11.48
CA VAL A 1192 -9.09 10.92 -10.58
C VAL A 1192 -9.58 9.54 -11.04
N ASN A 1193 -10.86 9.45 -11.41
CA ASN A 1193 -11.39 8.16 -11.85
C ASN A 1193 -10.81 7.79 -13.21
N ILE A 1194 -10.58 8.79 -14.08
CA ILE A 1194 -9.94 8.52 -15.36
C ILE A 1194 -8.54 7.95 -15.15
N ALA A 1195 -7.78 8.55 -14.22
CA ALA A 1195 -6.43 8.06 -13.95
C ALA A 1195 -6.47 6.65 -13.38
N SER A 1196 -7.40 6.38 -12.47
CA SER A 1196 -7.48 5.03 -11.90
C SER A 1196 -7.84 4.01 -12.96
N ARG A 1197 -8.74 4.37 -13.89
CA ARG A 1197 -9.11 3.44 -14.96
C ARG A 1197 -7.95 3.20 -15.91
N MET A 1198 -7.32 4.27 -16.36
CA MET A 1198 -6.28 4.16 -17.39
C MET A 1198 -5.02 3.49 -16.83
N ASP A 1199 -4.79 3.62 -15.52
CA ASP A 1199 -3.70 2.90 -14.90
C ASP A 1199 -3.95 1.39 -14.84
N THR A 1200 -5.18 0.96 -14.62
CA THR A 1200 -5.51 -0.47 -14.55
C THR A 1200 -5.39 -1.12 -15.93
N THR A 1201 -5.70 -0.38 -16.99
CA THR A 1201 -5.50 -0.86 -18.35
C THR A 1201 -4.13 -0.41 -18.86
N GLY A 1202 -3.11 -0.77 -18.08
CA GLY A 1202 -1.74 -0.43 -18.41
C GLY A 1202 -0.86 -1.68 -18.39
N VAL A 1203 0.42 -1.45 -18.68
CA VAL A 1203 1.41 -2.53 -18.75
C VAL A 1203 2.53 -2.20 -17.77
N GLU A 1204 3.06 -3.23 -17.11
CA GLU A 1204 4.09 -3.04 -16.09
C GLU A 1204 5.33 -2.39 -16.69
N CYS A 1205 5.98 -1.58 -15.88
CA CYS A 1205 7.20 -0.85 -16.24
C CYS A 1205 6.95 0.15 -17.37
N ARG A 1206 5.70 0.54 -17.58
CA ARG A 1206 5.35 1.49 -18.62
C ARG A 1206 4.63 2.67 -17.98
N ILE A 1207 4.89 3.88 -18.48
CA ILE A 1207 4.28 5.08 -17.95
C ILE A 1207 3.08 5.39 -18.85
N GLN A 1208 1.92 4.84 -18.47
CA GLN A 1208 0.72 5.05 -19.28
C GLN A 1208 0.20 6.47 -19.03
N VAL A 1209 -0.04 7.20 -20.11
CA VAL A 1209 -0.26 8.64 -20.05
C VAL A 1209 -1.48 8.99 -20.90
N SER A 1210 -2.25 9.99 -20.43
CA SER A 1210 -3.46 10.38 -21.11
C SER A 1210 -3.16 11.24 -22.33
N GLU A 1211 -4.12 11.28 -23.25
CA GLU A 1211 -3.89 11.90 -24.55
C GLU A 1211 -3.66 13.40 -24.44
N GLU A 1212 -4.42 14.08 -23.58
CA GLU A 1212 -4.20 15.52 -23.40
C GLU A 1212 -2.87 15.78 -22.70
N SER A 1213 -2.52 14.94 -21.72
CA SER A 1213 -1.21 15.01 -21.11
C SER A 1213 -0.12 14.64 -22.12
N TYR A 1214 -0.41 13.66 -22.99
CA TYR A 1214 0.47 13.39 -24.12
C TYR A 1214 0.72 14.64 -24.94
N ARG A 1215 -0.34 15.40 -25.21
CA ARG A 1215 -0.20 16.62 -25.99
C ARG A 1215 0.67 17.64 -25.27
N VAL A 1216 0.39 17.89 -23.99
CA VAL A 1216 1.15 18.91 -23.28
C VAL A 1216 2.59 18.48 -23.05
N LEU A 1217 2.89 17.17 -23.10
CA LEU A 1217 4.23 16.70 -22.79
C LEU A 1217 5.07 16.39 -24.03
N SER A 1218 4.45 16.20 -25.19
CA SER A 1218 5.22 15.83 -26.37
C SER A 1218 6.17 16.93 -26.81
N LYS A 1219 5.70 18.18 -26.81
CA LYS A 1219 6.52 19.29 -27.30
C LYS A 1219 7.66 19.67 -26.36
N MET A 1220 7.63 19.23 -25.10
CA MET A 1220 8.68 19.62 -24.17
C MET A 1220 9.83 18.62 -24.11
N GLY A 1221 9.72 17.47 -24.77
CA GLY A 1221 10.90 16.65 -25.00
C GLY A 1221 10.80 15.16 -24.75
N TYR A 1222 10.01 14.71 -23.76
CA TYR A 1222 9.96 13.30 -23.43
C TYR A 1222 9.32 12.51 -24.57
N GLU A 1223 9.83 11.30 -24.79
CA GLU A 1223 9.49 10.50 -25.96
C GLU A 1223 8.56 9.34 -25.58
N PHE A 1224 7.54 9.13 -26.40
CA PHE A 1224 6.52 8.11 -26.15
C PHE A 1224 6.19 7.41 -27.46
N ASP A 1225 5.62 6.21 -27.35
CA ASP A 1225 5.08 5.49 -28.49
C ASP A 1225 3.60 5.21 -28.25
N TYR A 1226 2.82 5.28 -29.32
CA TYR A 1226 1.38 5.08 -29.22
C TYR A 1226 1.07 3.59 -29.05
N ARG A 1227 0.30 3.27 -28.02
CA ARG A 1227 -0.03 1.88 -27.69
C ARG A 1227 -1.33 1.45 -28.35
N GLY A 1228 -2.40 2.20 -28.15
CA GLY A 1228 -3.67 1.83 -28.72
C GLY A 1228 -4.79 2.69 -28.15
N THR A 1229 -6.02 2.26 -28.37
CA THR A 1229 -7.20 2.94 -27.87
C THR A 1229 -8.04 1.96 -27.06
N VAL A 1230 -8.43 2.37 -25.85
CA VAL A 1230 -9.18 1.52 -24.94
C VAL A 1230 -10.41 2.27 -24.46
N ASN A 1231 -11.52 1.55 -24.32
CA ASN A 1231 -12.77 2.18 -23.89
C ASN A 1231 -12.69 2.62 -22.43
N VAL A 1232 -13.23 3.81 -22.16
CA VAL A 1232 -13.29 4.37 -20.82
C VAL A 1232 -14.72 4.75 -20.53
N LYS A 1233 -15.25 4.28 -19.40
CA LYS A 1233 -16.62 4.62 -19.02
C LYS A 1233 -16.73 6.11 -18.70
N GLY A 1234 -17.73 6.76 -19.28
CA GLY A 1234 -17.92 8.18 -19.12
C GLY A 1234 -17.27 9.04 -20.18
N LYS A 1235 -16.29 8.50 -20.91
CA LYS A 1235 -15.61 9.26 -21.96
C LYS A 1235 -15.47 8.49 -23.26
N GLY A 1236 -15.90 7.24 -23.34
CA GLY A 1236 -15.78 6.46 -24.55
C GLY A 1236 -14.35 6.02 -24.84
N GLN A 1237 -13.92 6.19 -26.08
CA GLN A 1237 -12.57 5.79 -26.48
C GLN A 1237 -11.55 6.85 -26.08
N MET A 1238 -10.38 6.38 -25.63
CA MET A 1238 -9.26 7.26 -25.31
C MET A 1238 -7.96 6.63 -25.79
N LYS A 1239 -7.06 7.45 -26.29
CA LYS A 1239 -5.79 6.96 -26.81
C LYS A 1239 -4.78 6.78 -25.67
N THR A 1240 -3.90 5.80 -25.84
CA THR A 1240 -2.93 5.43 -24.83
C THR A 1240 -1.52 5.54 -25.39
N TYR A 1241 -0.59 5.99 -24.55
CA TYR A 1241 0.79 6.17 -24.95
C TYR A 1241 1.71 5.65 -23.87
N LEU A 1242 2.91 5.23 -24.26
CA LEU A 1242 3.88 4.66 -23.34
C LEU A 1242 5.17 5.45 -23.40
N TYR A 1243 5.72 5.77 -22.24
CA TYR A 1243 6.98 6.51 -22.18
C TYR A 1243 8.18 5.62 -22.50
N PRO A 1244 8.28 4.40 -21.97
CA PRO A 1244 9.39 3.53 -22.39
C PRO A 1244 9.32 3.27 -23.89
N LYS A 1245 10.49 3.28 -24.52
CA LYS A 1245 10.62 3.15 -25.96
C LYS A 1245 11.45 1.90 -26.26
N CYS A 1246 10.77 0.76 -26.34
CA CYS A 1246 11.40 -0.53 -26.65
C CYS A 1246 12.55 -0.84 -25.68
N THR A 1247 12.32 -0.55 -24.39
CA THR A 1247 13.35 -0.80 -23.39
C THR A 1247 13.64 -2.28 -23.21
N ASP A 1248 12.77 -3.15 -23.69
CA ASP A 1248 13.00 -4.60 -23.64
C ASP A 1248 13.92 -4.99 -24.78
N SER A 1249 14.02 -6.30 -25.04
CA SER A 1249 14.88 -6.77 -26.11
C SER A 1249 14.41 -6.25 -27.47
N GLY A 1250 13.11 -6.30 -27.73
CA GLY A 1250 12.57 -5.83 -28.99
C GLY A 1250 12.54 -4.31 -29.09
N HIS B 9 35.13 -2.46 10.13
CA HIS B 9 35.97 -1.54 10.89
C HIS B 9 35.45 -0.11 10.80
N HIS B 10 36.26 0.84 11.27
CA HIS B 10 35.88 2.24 11.24
C HIS B 10 35.86 2.73 9.81
N GLY B 11 34.73 3.31 9.39
CA GLY B 11 34.57 3.73 8.02
C GLY B 11 34.69 2.57 7.06
N SER B 12 33.79 1.60 7.18
CA SER B 12 33.94 0.33 6.47
C SER B 12 33.49 0.44 5.02
N ASP B 13 34.03 1.42 4.28
CA ASP B 13 33.90 1.42 2.83
C ASP B 13 34.64 0.26 2.19
N LEU B 14 35.70 -0.23 2.85
CA LEU B 14 36.34 -1.46 2.41
C LEU B 14 35.33 -2.59 2.34
N GLY B 15 34.35 -2.60 3.25
CA GLY B 15 33.27 -3.57 3.16
C GLY B 15 32.47 -3.42 1.88
N LYS B 16 32.15 -2.19 1.51
CA LYS B 16 31.43 -1.96 0.26
C LYS B 16 32.23 -2.44 -0.93
N LYS B 17 33.54 -2.15 -0.94
CA LYS B 17 34.38 -2.57 -2.05
C LYS B 17 34.47 -4.10 -2.13
N LEU B 18 34.64 -4.77 -0.98
CA LEU B 18 34.74 -6.22 -1.01
C LEU B 18 33.43 -6.85 -1.45
N LEU B 19 32.29 -6.32 -1.00
CA LEU B 19 31.01 -6.88 -1.41
C LEU B 19 30.75 -6.64 -2.90
N GLU B 20 31.07 -5.43 -3.39
CA GLU B 20 30.85 -5.14 -4.80
C GLU B 20 31.74 -6.02 -5.68
N ALA B 21 32.98 -6.26 -5.25
CA ALA B 21 33.82 -7.19 -5.99
C ALA B 21 33.31 -8.62 -5.87
N ALA B 22 32.70 -8.96 -4.73
CA ALA B 22 32.21 -10.32 -4.51
C ALA B 22 31.09 -10.65 -5.48
N ARG B 23 30.10 -9.76 -5.61
CA ARG B 23 29.05 -10.06 -6.58
C ARG B 23 29.40 -9.58 -7.99
N ALA B 24 30.53 -8.90 -8.17
CA ALA B 24 31.00 -8.57 -9.50
C ALA B 24 31.87 -9.68 -10.09
N GLY B 25 32.49 -10.50 -9.24
CA GLY B 25 33.38 -11.55 -9.73
C GLY B 25 34.81 -11.14 -9.94
N GLN B 26 35.26 -10.06 -9.30
CA GLN B 26 36.64 -9.57 -9.45
C GLN B 26 37.45 -10.05 -8.26
N ASP B 27 38.36 -11.00 -8.50
CA ASP B 27 39.08 -11.65 -7.40
C ASP B 27 40.30 -10.85 -6.98
N ASP B 28 41.02 -10.27 -7.95
CA ASP B 28 42.24 -9.53 -7.65
C ASP B 28 41.95 -8.34 -6.74
N GLU B 29 40.84 -7.65 -6.98
CA GLU B 29 40.45 -6.56 -6.10
C GLU B 29 40.16 -7.06 -4.70
N VAL B 30 39.57 -8.25 -4.57
CA VAL B 30 39.33 -8.83 -3.25
C VAL B 30 40.66 -9.08 -2.53
N ARG B 31 41.64 -9.64 -3.24
CA ARG B 31 42.96 -9.83 -2.62
C ARG B 31 43.58 -8.50 -2.20
N ILE B 32 43.48 -7.48 -3.06
CA ILE B 32 44.04 -6.17 -2.74
C ILE B 32 43.39 -5.59 -1.49
N LEU B 33 42.06 -5.72 -1.40
CA LEU B 33 41.33 -5.12 -0.28
C LEU B 33 41.60 -5.87 1.01
N MET B 34 41.66 -7.20 0.97
CA MET B 34 42.03 -7.96 2.17
C MET B 34 43.46 -7.65 2.59
N ALA B 35 44.31 -7.29 1.63
CA ALA B 35 45.65 -6.85 1.98
C ALA B 35 45.64 -5.54 2.77
N ASN B 36 44.51 -4.84 2.78
CA ASN B 36 44.39 -3.57 3.47
C ASN B 36 43.72 -3.67 4.84
N GLY B 37 43.53 -4.89 5.34
CA GLY B 37 42.92 -5.06 6.65
C GLY B 37 41.42 -4.96 6.69
N ALA B 38 40.75 -5.20 5.57
CA ALA B 38 39.29 -5.13 5.55
C ALA B 38 38.68 -6.26 6.36
N ASP B 39 37.48 -6.00 6.87
CA ASP B 39 36.77 -7.01 7.66
C ASP B 39 36.33 -8.17 6.78
N VAL B 40 36.51 -9.39 7.29
CA VAL B 40 36.12 -10.58 6.53
C VAL B 40 34.60 -10.66 6.41
N ASN B 41 33.87 -10.29 7.46
CA ASN B 41 32.43 -10.50 7.53
C ASN B 41 31.65 -9.18 7.46
N ALA B 42 32.09 -8.26 6.60
CA ALA B 42 31.39 -6.99 6.46
C ALA B 42 29.97 -7.19 5.94
N THR B 43 29.05 -6.39 6.44
CA THR B 43 27.63 -6.54 6.15
C THR B 43 27.04 -5.20 5.69
N ASP B 44 25.97 -5.29 4.90
CA ASP B 44 25.33 -4.13 4.30
C ASP B 44 24.05 -3.77 5.08
N ASP B 45 23.26 -2.86 4.51
CA ASP B 45 22.07 -2.37 5.20
C ASP B 45 21.06 -3.49 5.47
N TYR B 46 20.82 -4.36 4.50
CA TYR B 46 19.86 -5.44 4.70
C TYR B 46 20.43 -6.61 5.48
N GLY B 47 21.76 -6.67 5.64
CA GLY B 47 22.38 -7.76 6.35
C GLY B 47 22.97 -8.85 5.48
N HIS B 48 23.18 -8.58 4.18
CA HIS B 48 23.78 -9.58 3.30
C HIS B 48 25.23 -9.84 3.68
N THR B 49 25.68 -11.05 3.40
CA THR B 49 27.06 -11.45 3.62
C THR B 49 27.69 -11.92 2.32
N PRO B 50 29.01 -11.73 2.15
CA PRO B 50 29.64 -12.12 0.87
C PRO B 50 29.47 -13.59 0.53
N LEU B 51 29.33 -14.46 1.52
CA LEU B 51 29.01 -15.86 1.23
C LEU B 51 27.63 -15.98 0.59
N HIS B 52 26.68 -15.15 1.05
CA HIS B 52 25.36 -15.13 0.40
C HIS B 52 25.46 -14.57 -1.01
N LEU B 53 26.37 -13.63 -1.24
CA LEU B 53 26.63 -13.16 -2.60
C LEU B 53 27.20 -14.28 -3.46
N ALA B 54 28.09 -15.09 -2.91
CA ALA B 54 28.62 -16.24 -3.64
C ALA B 54 27.50 -17.23 -3.97
N ALA B 55 26.60 -17.48 -3.02
CA ALA B 55 25.45 -18.33 -3.29
C ALA B 55 24.58 -17.72 -4.39
N TRP B 56 24.42 -16.40 -4.37
CA TRP B 56 23.72 -15.71 -5.46
C TRP B 56 24.35 -16.02 -6.81
N PHE B 57 25.66 -15.83 -6.92
CA PHE B 57 26.36 -15.87 -8.20
C PHE B 57 27.07 -17.19 -8.47
N GLY B 58 27.15 -18.07 -7.48
CA GLY B 58 27.72 -19.40 -7.70
C GLY B 58 29.19 -19.42 -8.07
N HIS B 59 30.02 -18.67 -7.36
CA HIS B 59 31.46 -18.65 -7.60
C HIS B 59 32.16 -19.47 -6.52
N LEU B 60 32.48 -20.73 -6.85
CA LEU B 60 33.14 -21.60 -5.89
C LEU B 60 34.53 -21.09 -5.51
N GLU B 61 35.23 -20.46 -6.46
CA GLU B 61 36.53 -19.88 -6.14
C GLU B 61 36.41 -18.85 -5.03
N ILE B 62 35.45 -17.94 -5.13
CA ILE B 62 35.24 -16.96 -4.09
C ILE B 62 34.72 -17.62 -2.82
N VAL B 63 33.96 -18.71 -2.95
CA VAL B 63 33.54 -19.46 -1.78
C VAL B 63 34.76 -19.92 -0.98
N GLU B 64 35.73 -20.52 -1.67
CA GLU B 64 36.93 -21.00 -0.98
C GLU B 64 37.80 -19.84 -0.49
N VAL B 65 37.80 -18.73 -1.22
CA VAL B 65 38.54 -17.55 -0.77
C VAL B 65 37.96 -17.02 0.52
N LEU B 66 36.63 -17.03 0.65
CA LEU B 66 36.01 -16.58 1.89
C LEU B 66 36.20 -17.60 3.00
N LEU B 67 36.22 -18.89 2.65
CA LEU B 67 36.46 -19.92 3.66
C LEU B 67 37.86 -19.80 4.25
N LYS B 68 38.87 -19.59 3.40
CA LYS B 68 40.20 -19.31 3.91
C LYS B 68 40.30 -17.93 4.54
N ALA B 69 39.37 -17.03 4.19
CA ALA B 69 39.31 -15.71 4.80
C ALA B 69 38.75 -15.76 6.23
N GLY B 70 38.00 -16.79 6.59
CA GLY B 70 37.47 -16.93 7.93
C GLY B 70 36.05 -16.43 8.08
N ALA B 71 35.15 -16.86 7.21
CA ALA B 71 33.76 -16.43 7.27
C ALA B 71 32.97 -17.28 8.26
N ASP B 72 31.86 -16.72 8.74
CA ASP B 72 31.00 -17.43 9.67
C ASP B 72 30.19 -18.50 8.95
N VAL B 73 29.67 -19.45 9.74
CA VAL B 73 28.99 -20.61 9.16
C VAL B 73 27.48 -20.41 9.05
N ASN B 74 26.87 -19.64 9.95
CA ASN B 74 25.42 -19.49 9.95
C ASN B 74 25.01 -18.04 9.78
N ALA B 75 25.61 -17.35 8.81
CA ALA B 75 25.28 -15.96 8.56
C ALA B 75 23.81 -15.81 8.19
N ALA B 76 23.14 -14.85 8.81
CA ALA B 76 21.71 -14.65 8.63
C ALA B 76 21.44 -13.20 8.21
N ASP B 77 20.63 -13.04 7.16
CA ASP B 77 20.23 -11.72 6.72
C ASP B 77 19.13 -11.18 7.64
N TRP B 78 18.53 -10.06 7.24
CA TRP B 78 17.36 -9.57 7.96
C TRP B 78 16.22 -10.58 7.93
N LEU B 79 16.21 -11.48 6.94
CA LEU B 79 15.26 -12.58 6.92
C LEU B 79 15.76 -13.78 7.71
N GLY B 80 16.89 -13.65 8.41
CA GLY B 80 17.38 -14.71 9.27
C GLY B 80 17.79 -15.98 8.56
N ASP B 81 18.05 -15.92 7.25
CA ASP B 81 18.33 -17.11 6.47
C ASP B 81 19.81 -17.45 6.47
N THR B 82 20.13 -18.72 6.73
CA THR B 82 21.49 -19.20 6.64
C THR B 82 21.93 -19.26 5.18
N PRO B 83 23.24 -19.24 4.92
CA PRO B 83 23.69 -19.40 3.53
C PRO B 83 23.25 -20.72 2.90
N LEU B 84 23.10 -21.77 3.70
CA LEU B 84 22.57 -23.02 3.17
C LEU B 84 21.13 -22.85 2.72
N HIS B 85 20.33 -22.09 3.48
CA HIS B 85 18.96 -21.83 3.08
C HIS B 85 18.91 -21.08 1.75
N LEU B 86 19.76 -20.06 1.60
CA LEU B 86 19.81 -19.33 0.34
C LEU B 86 20.26 -20.22 -0.80
N ALA B 87 21.23 -21.10 -0.55
CA ALA B 87 21.70 -22.02 -1.58
C ALA B 87 20.60 -22.96 -2.03
N ALA B 88 19.85 -23.52 -1.08
CA ALA B 88 18.72 -24.37 -1.43
C ALA B 88 17.65 -23.57 -2.16
N ARG B 89 17.51 -22.29 -1.82
CA ARG B 89 16.58 -21.42 -2.54
C ARG B 89 16.98 -21.25 -4.00
N ILE B 90 18.28 -21.09 -4.26
CA ILE B 90 18.76 -20.95 -5.64
C ILE B 90 18.99 -22.34 -6.24
N GLY B 91 19.90 -23.11 -5.64
CA GLY B 91 20.06 -24.49 -6.07
C GLY B 91 21.41 -24.88 -6.62
N HIS B 92 22.48 -24.25 -6.14
CA HIS B 92 23.84 -24.64 -6.53
C HIS B 92 24.28 -25.79 -5.65
N LEU B 93 24.27 -27.01 -6.20
CA LEU B 93 24.47 -28.20 -5.38
C LEU B 93 25.88 -28.25 -4.79
N GLU B 94 26.90 -28.13 -5.64
CA GLU B 94 28.28 -28.35 -5.18
C GLU B 94 28.64 -27.37 -4.08
N ILE B 95 28.14 -26.14 -4.15
CA ILE B 95 28.30 -25.21 -3.05
C ILE B 95 27.60 -25.75 -1.80
N VAL B 96 26.45 -26.43 -1.96
CA VAL B 96 25.76 -26.98 -0.81
C VAL B 96 26.61 -28.03 -0.11
N GLU B 97 27.20 -28.96 -0.88
CA GLU B 97 28.08 -29.94 -0.22
C GLU B 97 29.30 -29.28 0.42
N VAL B 98 29.96 -28.36 -0.30
CA VAL B 98 31.16 -27.78 0.28
C VAL B 98 30.84 -26.94 1.52
N LEU B 99 29.61 -26.42 1.60
CA LEU B 99 29.20 -25.69 2.80
C LEU B 99 28.85 -26.65 3.95
N LEU B 100 28.16 -27.75 3.65
CA LEU B 100 27.74 -28.65 4.71
C LEU B 100 28.89 -29.51 5.23
N LYS B 101 29.98 -29.64 4.47
CA LYS B 101 31.16 -30.31 5.03
C LYS B 101 31.71 -29.56 6.23
N HIS B 102 31.49 -28.24 6.29
CA HIS B 102 32.02 -27.42 7.37
C HIS B 102 31.25 -27.56 8.68
N GLY B 103 30.09 -28.22 8.67
CA GLY B 103 29.36 -28.47 9.89
C GLY B 103 28.33 -27.42 10.25
N ALA B 104 27.41 -27.14 9.33
CA ALA B 104 26.31 -26.23 9.61
C ALA B 104 25.11 -26.98 10.15
N ASP B 105 24.15 -26.22 10.70
CA ASP B 105 22.97 -26.84 11.30
C ASP B 105 22.12 -27.53 10.23
N VAL B 106 21.34 -28.51 10.67
CA VAL B 106 20.55 -29.33 9.75
C VAL B 106 19.06 -29.01 9.86
N ASN B 107 18.61 -28.69 11.07
CA ASN B 107 17.18 -28.55 11.34
C ASN B 107 16.76 -27.11 11.59
N ALA B 108 17.59 -26.15 11.20
CA ALA B 108 17.29 -24.74 11.45
C ALA B 108 16.17 -24.26 10.54
N GLN B 109 15.57 -23.14 10.93
CA GLN B 109 14.58 -22.45 10.12
C GLN B 109 14.61 -20.98 10.46
N ASP B 110 14.49 -20.13 9.44
CA ASP B 110 14.60 -18.68 9.62
C ASP B 110 13.30 -18.13 10.20
N LYS B 111 13.18 -16.80 10.21
CA LYS B 111 11.95 -16.18 10.69
C LYS B 111 10.75 -16.57 9.86
N PHE B 112 10.95 -17.05 8.63
CA PHE B 112 9.87 -17.61 7.84
C PHE B 112 9.45 -18.99 8.34
N GLY B 113 10.21 -19.59 9.25
CA GLY B 113 9.80 -20.79 9.93
C GLY B 113 9.83 -22.06 9.10
N LYS B 114 10.65 -22.11 8.06
CA LYS B 114 10.73 -23.29 7.20
C LYS B 114 12.15 -23.82 7.14
N THR B 115 12.27 -25.14 7.17
CA THR B 115 13.54 -25.81 7.00
C THR B 115 13.96 -25.78 5.53
N PRO B 116 15.25 -25.96 5.23
CA PRO B 116 15.70 -25.91 3.83
C PRO B 116 15.12 -27.02 2.96
N PHE B 117 14.60 -28.09 3.55
CA PHE B 117 14.18 -29.24 2.76
C PHE B 117 13.01 -28.89 1.83
N ASP B 118 11.88 -28.49 2.41
CA ASP B 118 10.72 -28.16 1.58
C ASP B 118 10.99 -26.94 0.72
N LEU B 119 11.90 -26.06 1.16
CA LEU B 119 12.30 -24.94 0.30
C LEU B 119 12.95 -25.44 -0.97
N ALA B 120 13.99 -26.28 -0.84
CA ALA B 120 14.63 -26.86 -2.01
C ALA B 120 13.64 -27.67 -2.84
N ILE B 121 12.61 -28.22 -2.19
CA ILE B 121 11.57 -28.93 -2.92
C ILE B 121 10.78 -27.97 -3.80
N ASP B 122 10.39 -26.81 -3.25
CA ASP B 122 9.55 -25.90 -4.03
C ASP B 122 10.35 -25.14 -5.08
N ASN B 123 11.64 -24.88 -4.84
CA ASN B 123 12.46 -24.22 -5.84
C ASN B 123 12.72 -25.10 -7.07
N GLY B 124 12.40 -26.38 -6.99
CA GLY B 124 12.57 -27.26 -8.13
C GLY B 124 13.89 -27.99 -8.20
N ASN B 125 14.65 -28.04 -7.12
CA ASN B 125 15.93 -28.75 -7.07
C ASN B 125 15.81 -29.88 -6.05
N GLU B 126 15.68 -31.11 -6.56
CA GLU B 126 15.65 -32.30 -5.72
C GLU B 126 17.02 -32.65 -5.16
N ASP B 127 18.10 -32.20 -5.82
CA ASP B 127 19.45 -32.61 -5.42
C ASP B 127 19.78 -32.10 -4.02
N ILE B 128 19.45 -30.83 -3.74
CA ILE B 128 19.72 -30.28 -2.41
C ILE B 128 19.01 -31.10 -1.35
N ALA B 129 17.75 -31.44 -1.59
CA ALA B 129 16.97 -32.18 -0.61
C ALA B 129 17.51 -33.58 -0.39
N GLU B 130 17.86 -34.28 -1.47
CA GLU B 130 18.36 -35.65 -1.30
C GLU B 130 19.71 -35.65 -0.62
N VAL B 131 20.54 -34.62 -0.86
CA VAL B 131 21.81 -34.53 -0.15
C VAL B 131 21.58 -34.26 1.34
N LEU B 132 20.67 -33.32 1.66
CA LEU B 132 20.50 -32.93 3.06
C LEU B 132 19.79 -34.02 3.87
N GLN B 133 18.95 -34.83 3.23
CA GLN B 133 18.12 -35.77 3.98
C GLN B 133 18.92 -36.86 4.69
N LYS B 134 20.20 -37.03 4.36
CA LYS B 134 21.00 -38.08 4.94
C LYS B 134 21.76 -37.67 6.19
N ALA B 135 21.54 -36.46 6.69
CA ALA B 135 22.29 -35.95 7.83
C ALA B 135 21.83 -36.63 9.13
N ALA B 136 22.61 -36.41 10.18
CA ALA B 136 22.31 -36.98 11.49
C ALA B 136 22.57 -35.96 12.59
#